data_2GJR
#
_entry.id   2GJR
#
_cell.length_a   38.550
_cell.length_b   59.040
_cell.length_c   209.800
_cell.angle_alpha   90.00
_cell.angle_beta   90.00
_cell.angle_gamma   90.00
#
_symmetry.space_group_name_H-M   'P 21 21 21'
#
loop_
_entity.id
_entity.type
_entity.pdbx_description
1 polymer alpha-amylase
2 non-polymer 'CALCIUM ION'
3 non-polymer 'SODIUM ION'
4 non-polymer 'ACETATE ION'
5 water water
#
_entity_poly.entity_id   1
_entity_poly.type   'polypeptide(L)'
_entity_poly.pdbx_seq_one_letter_code
;HHMGTNGTMMQYFEWHLPNDGQHWNRLRDDASNLRNRGITAIWIPPAWKGTSQNDVGYGAYDLYDLGEFNQKGTVRTKYG
TRSQLESAIHALKNNGVQVYGDVVMNHKGGADATENVLAVEVNPNNRNQEISGDYTIEAWTKFDFPGRGNTYSDFKWRWY
HFDGVDWDQSRQFQNRIYKFRGDGKAWDWEVDSENGNYDYLMYADVDMDHPEVVNELRRWGEWYTNTLNLDGFRIDAVKH
IKYSFTRDWLTHVRNATGKEMFAVAEFWKNDLGALENYLNKTNWNHSVFDVPLHYNLYNASNSGGNYDMAKLLNGTVVQK
HPMHAVTFVDNHDSQPGESLESFVQEWFKPLAYALILTREQGYPSVFYGDYYGIPTHSVPAMKAKIDPILEARQNFAYGT
QHDYFDHHNIIGWTREGNTTHPNSGLATIMSDGPGGEKWMYVGQNKAGQVWHDITGNKPGTVTINADGWANFSVNGGSVS
IWVKR
;
_entity_poly.pdbx_strand_id   A
#
loop_
_chem_comp.id
_chem_comp.type
_chem_comp.name
_chem_comp.formula
ACT non-polymer 'ACETATE ION' 'C2 H3 O2 -1'
CA non-polymer 'CALCIUM ION' 'Ca 2'
NA non-polymer 'SODIUM ION' 'Na 1'
#
# COMPACT_ATOMS: atom_id res chain seq x y z
N THR A 5 4.06 -8.67 19.87
CA THR A 5 4.54 -9.18 18.54
C THR A 5 5.11 -8.10 17.63
N ASN A 6 5.75 -8.55 16.55
CA ASN A 6 6.10 -7.70 15.43
C ASN A 6 4.83 -7.39 14.65
N GLY A 7 4.67 -6.13 14.26
CA GLY A 7 3.51 -5.72 13.50
C GLY A 7 3.64 -6.15 12.05
N THR A 8 2.57 -6.72 11.51
CA THR A 8 2.54 -7.06 10.11
C THR A 8 1.21 -6.67 9.50
N MET A 9 1.29 -5.96 8.39
CA MET A 9 0.11 -5.49 7.73
C MET A 9 -0.21 -6.36 6.52
N MET A 10 -1.47 -6.39 6.12
CA MET A 10 -1.79 -7.04 4.87
C MET A 10 -2.70 -6.20 3.98
N GLN A 11 -2.29 -6.04 2.72
CA GLN A 11 -3.18 -5.50 1.72
C GLN A 11 -4.14 -6.61 1.33
N TYR A 12 -5.39 -6.48 1.80
CA TYR A 12 -6.36 -7.54 1.63
C TYR A 12 -7.23 -7.31 0.42
N PHE A 13 -6.58 -7.20 -0.73
CA PHE A 13 -7.24 -7.20 -2.03
C PHE A 13 -6.21 -7.19 -3.13
N GLU A 14 -6.65 -7.51 -4.33
CA GLU A 14 -5.84 -7.27 -5.50
C GLU A 14 -6.77 -6.69 -6.57
N TRP A 15 -6.20 -6.26 -7.68
CA TRP A 15 -7.00 -5.56 -8.67
C TRP A 15 -8.15 -6.42 -9.23
N HIS A 16 -7.88 -7.69 -9.45
CA HIS A 16 -8.78 -8.54 -10.23
C HIS A 16 -9.59 -9.50 -9.39
N LEU A 17 -9.91 -9.10 -8.16
CA LEU A 17 -10.82 -9.87 -7.34
C LEU A 17 -12.13 -10.01 -8.11
N PRO A 18 -12.84 -11.12 -7.90
CA PRO A 18 -14.16 -11.28 -8.53
C PRO A 18 -15.13 -10.21 -8.04
N ASN A 19 -16.04 -9.77 -8.89
CA ASN A 19 -17.06 -8.86 -8.43
C ASN A 19 -18.25 -9.68 -7.94
N ASP A 20 -18.13 -10.24 -6.75
CA ASP A 20 -19.14 -11.15 -6.21
C ASP A 20 -19.77 -10.67 -4.89
N GLY A 21 -19.33 -9.52 -4.41
CA GLY A 21 -19.91 -8.94 -3.20
C GLY A 21 -19.61 -9.77 -1.96
N GLN A 22 -18.63 -10.66 -2.08
CA GLN A 22 -18.32 -11.61 -1.03
C GLN A 22 -16.98 -11.40 -0.38
N HIS A 23 -16.33 -10.29 -0.69
CA HIS A 23 -15.01 -10.02 -0.17
C HIS A 23 -15.00 -9.62 1.30
N TRP A 24 -15.99 -8.84 1.73
CA TRP A 24 -16.04 -8.50 3.15
C TRP A 24 -16.21 -9.78 3.98
N ASN A 25 -17.01 -10.71 3.45
CA ASN A 25 -17.19 -12.02 4.07
C ASN A 25 -15.91 -12.86 4.16
N ARG A 26 -15.21 -12.98 3.04
CA ARG A 26 -13.90 -13.63 3.03
C ARG A 26 -13.00 -13.07 4.11
N LEU A 27 -12.97 -11.73 4.21
CA LEU A 27 -12.14 -11.04 5.19
C LEU A 27 -12.58 -11.43 6.59
N ARG A 28 -13.90 -11.39 6.80
CA ARG A 28 -14.46 -11.75 8.08
C ARG A 28 -14.02 -13.15 8.47
N ASP A 29 -14.18 -14.09 7.53
CA ASP A 29 -13.87 -15.49 7.76
C ASP A 29 -12.36 -15.77 7.78
N ASP A 30 -11.56 -14.76 7.46
CA ASP A 30 -10.12 -14.92 7.43
C ASP A 30 -9.45 -14.24 8.61
N ALA A 31 -10.23 -13.47 9.37
CA ALA A 31 -9.68 -12.61 10.44
C ALA A 31 -8.88 -13.39 11.50
N SER A 32 -9.44 -14.50 11.94
CA SER A 32 -8.84 -15.32 12.99
C SER A 32 -7.54 -15.96 12.53
N ASN A 33 -7.61 -16.64 11.40
CA ASN A 33 -6.45 -17.26 10.80
C ASN A 33 -5.36 -16.23 10.52
N LEU A 34 -5.74 -15.08 10.00
CA LEU A 34 -4.74 -14.06 9.71
C LEU A 34 -4.05 -13.56 10.99
N ARG A 35 -4.82 -13.34 12.05
CA ARG A 35 -4.22 -12.89 13.30
C ARG A 35 -3.32 -13.98 13.89
N ASN A 36 -3.76 -15.23 13.79
CA ASN A 36 -2.98 -16.34 14.29
C ASN A 36 -1.64 -16.50 13.59
N ARG A 37 -1.56 -16.06 12.33
CA ARG A 37 -0.31 -16.09 11.58
C ARG A 37 0.48 -14.77 11.71
N GLY A 38 0.05 -13.91 12.63
CA GLY A 38 0.80 -12.69 12.93
C GLY A 38 0.43 -11.42 12.18
N ILE A 39 -0.62 -11.46 11.36
CA ILE A 39 -1.10 -10.29 10.67
C ILE A 39 -1.81 -9.45 11.71
N THR A 40 -1.30 -8.23 11.92
CA THR A 40 -1.82 -7.39 13.00
C THR A 40 -2.59 -6.18 12.49
N ALA A 41 -2.54 -5.95 11.17
CA ALA A 41 -3.26 -4.82 10.57
C ALA A 41 -3.73 -5.16 9.16
N ILE A 42 -5.00 -4.86 8.87
CA ILE A 42 -5.55 -5.03 7.51
C ILE A 42 -5.87 -3.67 6.86
N TRP A 43 -5.20 -3.40 5.76
CA TRP A 43 -5.59 -2.33 4.84
C TRP A 43 -6.65 -2.93 3.93
N ILE A 44 -7.87 -2.42 4.03
CA ILE A 44 -8.99 -2.94 3.25
C ILE A 44 -9.10 -2.17 1.95
N PRO A 45 -9.65 -2.83 0.91
CA PRO A 45 -9.85 -2.13 -0.35
C PRO A 45 -10.79 -0.95 -0.11
N PRO A 46 -10.80 0.00 -1.06
CA PRO A 46 -11.77 1.09 -1.01
C PRO A 46 -13.15 0.55 -0.66
N ALA A 47 -13.80 1.20 0.31
CA ALA A 47 -14.98 0.69 0.95
C ALA A 47 -16.23 1.38 0.42
N TRP A 48 -16.01 2.40 -0.39
CA TRP A 48 -17.10 3.26 -0.85
C TRP A 48 -17.52 2.89 -2.27
N LYS A 49 -18.57 3.55 -2.73
CA LYS A 49 -19.11 3.32 -4.07
C LYS A 49 -18.20 3.85 -5.18
N GLY A 50 -17.83 2.97 -6.10
CA GLY A 50 -17.05 3.37 -7.26
C GLY A 50 -17.98 3.88 -8.33
N THR A 51 -17.44 4.00 -9.55
CA THR A 51 -18.23 4.45 -10.69
C THR A 51 -19.20 3.36 -11.11
N SER A 52 -18.96 2.16 -10.62
CA SER A 52 -19.86 1.04 -10.85
C SER A 52 -19.57 0.00 -9.79
N GLN A 53 -20.36 -1.05 -9.81
CA GLN A 53 -20.21 -2.15 -8.88
C GLN A 53 -18.89 -2.87 -9.09
N ASN A 54 -18.39 -2.94 -10.32
CA ASN A 54 -17.13 -3.64 -10.53
C ASN A 54 -15.85 -2.83 -10.33
N ASP A 55 -16.03 -1.52 -10.13
CA ASP A 55 -14.95 -0.60 -9.84
C ASP A 55 -14.22 -1.04 -8.56
N VAL A 56 -12.89 -1.10 -8.61
CA VAL A 56 -12.10 -1.50 -7.45
C VAL A 56 -12.29 -0.52 -6.29
N GLY A 57 -12.80 0.67 -6.60
CA GLY A 57 -13.08 1.69 -5.61
C GLY A 57 -12.32 2.98 -5.84
N TYR A 58 -11.25 2.91 -6.64
CA TYR A 58 -10.44 4.10 -6.93
C TYR A 58 -11.14 5.07 -7.90
N GLY A 59 -12.09 4.56 -8.68
CA GLY A 59 -13.05 5.41 -9.37
C GLY A 59 -14.04 5.85 -8.32
N ALA A 60 -13.59 6.73 -7.44
CA ALA A 60 -14.28 7.07 -6.19
C ALA A 60 -15.48 7.94 -6.46
N TYR A 61 -16.68 7.38 -6.41
CA TYR A 61 -17.88 8.15 -6.68
C TYR A 61 -18.42 8.81 -5.39
N ASP A 62 -18.70 7.99 -4.39
CA ASP A 62 -19.32 8.47 -3.17
C ASP A 62 -18.62 7.92 -1.92
N LEU A 63 -17.80 8.77 -1.32
CA LEU A 63 -17.05 8.43 -0.13
C LEU A 63 -17.96 8.11 1.06
N TYR A 64 -19.21 8.55 1.00
CA TYR A 64 -20.18 8.30 2.07
C TYR A 64 -21.08 7.09 1.83
N ASP A 65 -20.84 6.39 0.73
CA ASP A 65 -21.65 5.22 0.36
C ASP A 65 -20.78 3.97 0.44
N LEU A 66 -20.80 3.31 1.60
CA LEU A 66 -19.95 2.17 1.86
C LEU A 66 -20.61 0.85 1.48
N GLY A 67 -21.22 0.83 0.31
CA GLY A 67 -22.06 -0.29 -0.07
C GLY A 67 -23.37 -0.20 0.68
N GLU A 68 -23.83 1.03 0.93
CA GLU A 68 -25.06 1.25 1.69
C GLU A 68 -26.25 1.71 0.84
N PHE A 69 -26.00 2.50 -0.19
CA PHE A 69 -27.08 3.14 -0.93
C PHE A 69 -27.12 2.63 -2.36
N ASN A 70 -28.28 2.75 -2.98
CA ASN A 70 -28.45 2.33 -4.37
C ASN A 70 -28.03 3.45 -5.31
N GLN A 71 -26.78 3.34 -5.77
CA GLN A 71 -26.11 4.32 -6.58
C GLN A 71 -25.18 3.59 -7.56
N LYS A 72 -25.11 4.08 -8.80
CA LYS A 72 -24.22 3.52 -9.81
C LYS A 72 -24.59 2.11 -10.21
N GLY A 73 -25.86 1.74 -9.92
CA GLY A 73 -26.46 0.50 -10.40
C GLY A 73 -26.38 -0.61 -9.38
N THR A 74 -25.99 -0.28 -8.16
CA THR A 74 -25.73 -1.26 -7.12
C THR A 74 -25.82 -0.65 -5.72
N VAL A 75 -26.23 -1.48 -4.76
CA VAL A 75 -26.16 -1.12 -3.35
C VAL A 75 -24.76 -1.44 -2.80
N ARG A 76 -24.40 -2.72 -2.86
CA ARG A 76 -23.10 -3.17 -2.40
C ARG A 76 -21.99 -2.58 -3.26
N THR A 77 -20.79 -2.52 -2.72
CA THR A 77 -19.61 -2.27 -3.54
C THR A 77 -19.19 -3.58 -4.20
N LYS A 78 -18.04 -3.57 -4.85
CA LYS A 78 -17.49 -4.79 -5.41
C LYS A 78 -17.33 -5.84 -4.30
N TYR A 79 -17.07 -5.35 -3.10
CA TYR A 79 -16.67 -6.21 -2.00
C TYR A 79 -17.83 -6.65 -1.11
N GLY A 80 -18.94 -5.94 -1.19
CA GLY A 80 -20.10 -6.29 -0.40
C GLY A 80 -20.82 -5.07 0.12
N THR A 81 -21.77 -5.29 1.01
CA THR A 81 -22.57 -4.21 1.55
C THR A 81 -21.91 -3.68 2.79
N ARG A 82 -22.42 -2.55 3.27
CA ARG A 82 -21.88 -1.90 4.47
C ARG A 82 -21.95 -2.81 5.67
N SER A 83 -23.09 -3.48 5.83
CA SER A 83 -23.30 -4.33 6.99
C SER A 83 -22.35 -5.52 7.01
N GLN A 84 -22.09 -6.09 5.82
CA GLN A 84 -21.03 -7.09 5.65
C GLN A 84 -19.65 -6.55 6.07
N LEU A 85 -19.35 -5.32 5.67
CA LEU A 85 -18.11 -4.64 6.05
C LEU A 85 -18.01 -4.53 7.54
N GLU A 86 -19.08 -4.08 8.20
CA GLU A 86 -19.00 -3.97 9.66
C GLU A 86 -18.78 -5.30 10.38
N SER A 87 -19.42 -6.36 9.90
CA SER A 87 -19.22 -7.71 10.43
C SER A 87 -17.77 -8.13 10.31
N ALA A 88 -17.16 -7.80 9.17
CA ALA A 88 -15.75 -8.12 8.92
C ALA A 88 -14.83 -7.26 9.78
N ILE A 89 -15.07 -5.96 9.82
CA ILE A 89 -14.32 -5.10 10.72
C ILE A 89 -14.45 -5.65 12.14
N HIS A 90 -15.66 -6.03 12.53
CA HIS A 90 -15.83 -6.58 13.87
C HIS A 90 -15.05 -7.86 14.09
N ALA A 91 -15.04 -8.73 13.09
CA ALA A 91 -14.24 -9.95 13.13
C ALA A 91 -12.77 -9.59 13.39
N LEU A 92 -12.30 -8.55 12.72
CA LEU A 92 -10.93 -8.10 12.88
C LEU A 92 -10.68 -7.56 14.28
N LYS A 93 -11.64 -6.82 14.80
CA LYS A 93 -11.50 -6.20 16.11
C LYS A 93 -11.49 -7.25 17.23
N ASN A 94 -12.35 -8.26 17.14
CA ASN A 94 -12.41 -9.33 18.14
C ASN A 94 -11.08 -10.05 18.24
N ASN A 95 -10.31 -9.97 17.15
CA ASN A 95 -9.00 -10.60 17.03
C ASN A 95 -7.84 -9.64 17.31
N GLY A 96 -8.17 -8.40 17.61
CA GLY A 96 -7.16 -7.42 17.96
C GLY A 96 -6.40 -6.94 16.76
N VAL A 97 -7.00 -7.11 15.59
CA VAL A 97 -6.36 -6.78 14.34
C VAL A 97 -6.78 -5.38 14.00
N GLN A 98 -5.85 -4.55 13.54
CA GLN A 98 -6.18 -3.19 13.18
C GLN A 98 -6.76 -3.08 11.78
N VAL A 99 -7.64 -2.09 11.60
CA VAL A 99 -8.28 -1.83 10.32
C VAL A 99 -7.79 -0.50 9.74
N TYR A 100 -7.12 -0.60 8.60
CA TYR A 100 -6.64 0.58 7.90
C TYR A 100 -7.55 0.79 6.69
N GLY A 101 -8.20 1.93 6.62
CA GLY A 101 -9.09 2.16 5.49
C GLY A 101 -8.33 2.85 4.38
N ASP A 102 -8.59 2.45 3.14
CA ASP A 102 -8.02 3.16 2.01
C ASP A 102 -8.60 4.56 2.01
N VAL A 103 -7.91 5.48 1.37
CA VAL A 103 -8.33 6.88 1.35
C VAL A 103 -8.06 7.43 -0.02
N VAL A 104 -9.13 7.76 -0.73
CA VAL A 104 -9.01 8.27 -2.08
C VAL A 104 -9.65 9.63 -2.15
N MET A 105 -8.81 10.66 -2.17
CA MET A 105 -9.28 12.03 -2.17
C MET A 105 -8.78 12.80 -3.39
N ASN A 106 -7.94 12.18 -4.20
CA ASN A 106 -7.33 12.90 -5.32
C ASN A 106 -8.36 13.37 -6.33
N HIS A 107 -9.34 12.51 -6.56
CA HIS A 107 -10.24 12.73 -7.66
C HIS A 107 -11.59 12.13 -7.32
N LYS A 108 -12.59 12.50 -8.13
CA LYS A 108 -13.88 11.82 -8.10
C LYS A 108 -14.30 11.48 -9.51
N GLY A 109 -14.80 10.26 -9.71
CA GLY A 109 -15.32 9.86 -11.01
C GLY A 109 -16.79 9.45 -10.93
N GLY A 110 -17.42 9.37 -12.10
CA GLY A 110 -18.80 8.87 -12.18
C GLY A 110 -19.80 9.96 -11.81
N ALA A 111 -19.46 11.20 -12.14
CA ALA A 111 -20.33 12.32 -11.81
C ALA A 111 -21.73 12.05 -12.32
N ASP A 112 -22.71 12.59 -11.61
CA ASP A 112 -24.12 12.36 -11.96
C ASP A 112 -24.51 13.16 -13.20
N ALA A 113 -23.89 14.30 -13.37
CA ALA A 113 -24.28 15.25 -14.39
C ALA A 113 -23.10 16.11 -14.79
N THR A 114 -23.20 16.70 -15.98
CA THR A 114 -22.16 17.58 -16.45
C THR A 114 -22.48 19.03 -16.13
N GLU A 115 -21.44 19.85 -16.17
CA GLU A 115 -21.59 21.30 -16.07
C GLU A 115 -20.82 21.93 -17.21
N ASN A 116 -21.33 23.04 -17.74
CA ASN A 116 -20.54 23.85 -18.65
C ASN A 116 -19.51 24.60 -17.83
N VAL A 117 -18.24 24.36 -18.10
CA VAL A 117 -17.16 24.99 -17.34
C VAL A 117 -16.18 25.66 -18.30
N LEU A 118 -15.85 26.92 -18.02
CA LEU A 118 -14.80 27.65 -18.74
C LEU A 118 -13.48 27.00 -18.35
N ALA A 119 -12.75 26.52 -19.35
CA ALA A 119 -11.57 25.70 -19.10
C ALA A 119 -10.43 26.09 -20.01
N VAL A 120 -9.22 25.68 -19.67
CA VAL A 120 -8.11 25.79 -20.60
C VAL A 120 -7.45 24.43 -20.75
N GLU A 121 -7.12 24.07 -21.98
CA GLU A 121 -6.36 22.86 -22.21
C GLU A 121 -4.95 23.03 -21.70
N VAL A 122 -4.40 21.95 -21.15
CA VAL A 122 -2.99 21.94 -20.77
C VAL A 122 -2.25 20.77 -21.44
N ASN A 123 -0.94 20.94 -21.58
CA ASN A 123 -0.05 19.92 -22.12
C ASN A 123 0.00 18.72 -21.16
N PRO A 124 -0.53 17.56 -21.58
CA PRO A 124 -0.48 16.43 -20.68
C PRO A 124 0.93 16.10 -20.25
N ASN A 125 1.91 16.47 -21.07
CA ASN A 125 3.31 16.21 -20.77
C ASN A 125 3.96 17.28 -19.91
N ASN A 126 3.33 18.45 -19.87
CA ASN A 126 3.70 19.49 -18.94
C ASN A 126 2.45 20.28 -18.62
N ARG A 127 1.81 19.94 -17.51
CA ARG A 127 0.52 20.52 -17.20
C ARG A 127 0.62 21.98 -16.81
N ASN A 128 1.86 22.47 -16.67
CA ASN A 128 2.09 23.89 -16.42
C ASN A 128 1.88 24.72 -17.68
N GLN A 129 1.93 24.08 -18.84
CA GLN A 129 1.78 24.78 -20.11
C GLN A 129 0.32 24.80 -20.58
N GLU A 130 -0.25 25.99 -20.61
CA GLU A 130 -1.57 26.18 -21.17
C GLU A 130 -1.48 26.25 -22.69
N ILE A 131 -2.23 25.39 -23.37
CA ILE A 131 -2.06 25.21 -24.81
C ILE A 131 -3.31 25.63 -25.59
N SER A 132 -4.12 26.45 -24.96
CA SER A 132 -5.31 26.98 -25.62
C SER A 132 -5.85 28.21 -24.94
N GLY A 133 -6.74 28.90 -25.63
CA GLY A 133 -7.50 29.96 -25.01
C GLY A 133 -8.54 29.34 -24.12
N ASP A 134 -9.26 30.18 -23.39
CA ASP A 134 -10.39 29.74 -22.60
C ASP A 134 -11.49 29.33 -23.55
N TYR A 135 -12.16 28.24 -23.23
CA TYR A 135 -13.41 27.94 -23.89
C TYR A 135 -14.22 27.10 -22.97
N THR A 136 -15.49 26.93 -23.31
CA THR A 136 -16.37 26.23 -22.42
C THR A 136 -16.48 24.79 -22.83
N ILE A 137 -16.24 23.90 -21.88
CA ILE A 137 -16.42 22.48 -22.08
C ILE A 137 -17.60 21.99 -21.28
N GLU A 138 -18.09 20.79 -21.61
CA GLU A 138 -19.08 20.10 -20.81
C GLU A 138 -18.39 19.05 -19.92
N ALA A 139 -18.25 19.37 -18.64
CA ALA A 139 -17.42 18.60 -17.70
C ALA A 139 -18.24 17.84 -16.68
N TRP A 140 -17.81 16.62 -16.41
CA TRP A 140 -18.50 15.75 -15.47
C TRP A 140 -18.11 16.09 -14.04
N THR A 141 -18.81 17.05 -13.45
CA THR A 141 -18.38 17.59 -12.17
C THR A 141 -19.49 17.63 -11.11
N LYS A 142 -20.71 17.35 -11.52
CA LYS A 142 -21.87 17.48 -10.62
C LYS A 142 -22.16 16.15 -9.88
N PHE A 143 -21.90 16.14 -8.58
CA PHE A 143 -22.14 14.97 -7.71
C PHE A 143 -23.26 15.30 -6.72
N ASP A 144 -24.45 14.74 -6.94
CA ASP A 144 -25.62 15.05 -6.13
C ASP A 144 -25.96 13.86 -5.24
N PHE A 145 -25.43 12.70 -5.60
CA PHE A 145 -25.67 11.46 -4.87
C PHE A 145 -27.16 11.26 -4.62
N PRO A 146 -27.96 11.10 -5.69
CA PRO A 146 -29.40 10.94 -5.58
C PRO A 146 -29.84 9.66 -4.87
N GLY A 147 -28.98 8.66 -4.83
CA GLY A 147 -29.34 7.41 -4.16
C GLY A 147 -29.16 7.54 -2.66
N ARG A 148 -28.34 8.50 -2.26
CA ARG A 148 -28.04 8.74 -0.86
C ARG A 148 -28.79 9.92 -0.28
N GLY A 149 -29.26 10.84 -1.13
CA GLY A 149 -29.82 12.09 -0.61
C GLY A 149 -28.77 12.76 0.24
N ASN A 150 -29.18 13.33 1.38
CA ASN A 150 -28.25 14.01 2.29
C ASN A 150 -27.90 13.20 3.54
N THR A 151 -28.21 11.91 3.52
CA THR A 151 -27.81 11.02 4.59
C THR A 151 -26.30 11.06 4.79
N TYR A 152 -25.87 11.30 6.03
CA TYR A 152 -24.44 11.37 6.35
C TYR A 152 -23.81 12.69 6.01
N SER A 153 -24.14 13.22 4.83
CA SER A 153 -23.54 14.45 4.32
C SER A 153 -24.42 15.10 3.25
N ASP A 154 -24.67 16.39 3.39
CA ASP A 154 -25.46 17.15 2.41
C ASP A 154 -24.60 17.81 1.35
N PHE A 155 -23.30 17.58 1.43
CA PHE A 155 -22.36 18.20 0.53
C PHE A 155 -22.49 17.71 -0.91
N LYS A 156 -22.68 18.66 -1.81
CA LYS A 156 -22.81 18.37 -3.23
C LYS A 156 -21.55 18.88 -3.93
N TRP A 157 -20.93 18.06 -4.77
CA TRP A 157 -19.74 18.47 -5.49
C TRP A 157 -20.12 19.14 -6.79
N ARG A 158 -19.46 20.27 -7.07
CA ARG A 158 -19.66 21.07 -8.28
C ARG A 158 -18.32 21.35 -8.95
N TRP A 159 -18.34 21.92 -10.16
CA TRP A 159 -17.10 22.14 -10.93
C TRP A 159 -16.06 22.90 -10.12
N TYR A 160 -16.55 23.76 -9.23
CA TYR A 160 -15.64 24.67 -8.54
C TYR A 160 -14.87 24.01 -7.40
N HIS A 161 -15.20 22.75 -7.12
CA HIS A 161 -14.50 21.93 -6.12
C HIS A 161 -13.36 21.17 -6.79
N PHE A 162 -13.27 21.30 -8.11
CA PHE A 162 -12.25 20.59 -8.91
C PHE A 162 -11.33 21.55 -9.64
N ASP A 163 -10.12 21.07 -9.93
CA ASP A 163 -9.16 21.86 -10.70
C ASP A 163 -9.27 21.61 -12.19
N GLY A 164 -9.77 20.43 -12.57
CA GLY A 164 -9.74 20.04 -13.96
C GLY A 164 -10.20 18.63 -14.22
N VAL A 165 -10.36 18.31 -15.50
CA VAL A 165 -10.88 17.02 -15.95
C VAL A 165 -10.11 16.59 -17.19
N ASP A 166 -10.40 15.40 -17.69
CA ASP A 166 -9.74 14.90 -18.89
C ASP A 166 -10.75 14.61 -20.00
N TRP A 167 -11.92 15.22 -19.94
CA TRP A 167 -12.99 14.92 -20.88
C TRP A 167 -14.01 16.05 -21.08
N ASP A 168 -14.24 16.37 -22.34
CA ASP A 168 -15.24 17.35 -22.70
C ASP A 168 -16.40 16.61 -23.36
N GLN A 169 -17.50 16.50 -22.64
CA GLN A 169 -18.66 15.76 -23.10
C GLN A 169 -19.24 16.32 -24.41
N SER A 170 -19.02 17.61 -24.68
CA SER A 170 -19.55 18.24 -25.89
C SER A 170 -18.70 17.98 -27.12
N ARG A 171 -17.45 17.58 -26.92
CA ARG A 171 -16.50 17.48 -28.02
C ARG A 171 -15.85 16.12 -28.08
N GLN A 172 -15.62 15.53 -26.91
CA GLN A 172 -15.16 14.15 -26.79
C GLN A 172 -13.78 13.89 -27.41
N PHE A 173 -12.87 14.83 -27.23
CA PHE A 173 -11.48 14.68 -27.69
C PHE A 173 -10.69 13.82 -26.72
N GLN A 174 -9.83 12.96 -27.26
CA GLN A 174 -8.99 12.09 -26.45
C GLN A 174 -7.65 12.74 -26.17
N ASN A 175 -7.01 12.33 -25.08
CA ASN A 175 -5.65 12.76 -24.75
C ASN A 175 -5.51 14.20 -24.31
N ARG A 176 -6.56 14.77 -23.74
CA ARG A 176 -6.52 16.16 -23.32
C ARG A 176 -6.72 16.24 -21.83
N ILE A 177 -6.18 17.29 -21.23
CA ILE A 177 -6.46 17.61 -19.84
C ILE A 177 -6.91 19.06 -19.83
N TYR A 178 -7.97 19.33 -19.10
CA TYR A 178 -8.57 20.64 -19.07
C TYR A 178 -8.44 21.20 -17.66
N LYS A 179 -7.78 22.34 -17.54
CA LYS A 179 -7.71 23.04 -16.26
C LYS A 179 -8.85 24.02 -16.22
N PHE A 180 -9.53 24.10 -15.09
CA PHE A 180 -10.68 24.98 -14.97
C PHE A 180 -10.24 26.40 -14.74
N ARG A 181 -10.94 27.33 -15.38
CA ARG A 181 -10.69 28.76 -15.17
C ARG A 181 -11.50 29.25 -13.97
N GLY A 182 -11.21 30.46 -13.51
CA GLY A 182 -11.95 31.05 -12.41
C GLY A 182 -11.00 31.61 -11.38
N ASP A 183 -11.49 32.50 -10.53
CA ASP A 183 -10.63 33.14 -9.54
C ASP A 183 -10.03 32.10 -8.60
N GLY A 184 -8.71 32.05 -8.56
CA GLY A 184 -7.99 31.13 -7.67
C GLY A 184 -7.72 29.77 -8.27
N LYS A 185 -8.06 29.59 -9.56
CA LYS A 185 -7.91 28.28 -10.19
C LYS A 185 -6.51 28.04 -10.77
N ALA A 186 -5.86 27.01 -10.23
CA ALA A 186 -4.53 26.56 -10.65
C ALA A 186 -4.38 25.12 -10.17
N TRP A 187 -3.67 24.29 -10.92
CA TRP A 187 -3.22 23.02 -10.38
C TRP A 187 -2.65 23.24 -9.00
N ASP A 188 -2.86 22.30 -8.10
CA ASP A 188 -2.37 22.43 -6.73
C ASP A 188 -0.87 22.27 -6.61
N TRP A 189 -0.32 22.71 -5.50
CA TRP A 189 1.10 22.63 -5.24
C TRP A 189 1.26 22.74 -3.73
N GLU A 190 2.12 21.93 -3.14
CA GLU A 190 3.06 21.11 -3.88
C GLU A 190 2.55 19.72 -4.21
N VAL A 191 2.88 19.27 -5.41
CA VAL A 191 2.62 17.90 -5.83
C VAL A 191 3.86 17.44 -6.59
N ASP A 192 3.89 16.17 -6.97
CA ASP A 192 5.01 15.66 -7.75
C ASP A 192 5.22 16.50 -9.02
N SER A 193 6.49 16.67 -9.41
CA SER A 193 6.82 17.50 -10.56
C SER A 193 6.93 16.74 -11.89
N GLU A 194 6.71 15.42 -11.88
CA GLU A 194 6.66 14.71 -13.15
C GLU A 194 5.53 15.29 -14.01
N ASN A 195 5.79 15.44 -15.30
CA ASN A 195 4.87 16.16 -16.20
C ASN A 195 4.69 17.61 -15.76
N GLY A 196 5.74 18.18 -15.16
CA GLY A 196 5.72 19.57 -14.68
C GLY A 196 4.94 19.74 -13.40
N ASN A 197 3.69 19.31 -13.41
CA ASN A 197 2.83 19.33 -12.24
C ASN A 197 1.92 18.11 -12.36
N TYR A 198 1.97 17.23 -11.38
CA TYR A 198 1.27 15.95 -11.53
C TYR A 198 -0.03 15.94 -10.74
N ASP A 199 -0.56 17.13 -10.46
CA ASP A 199 -1.83 17.25 -9.77
C ASP A 199 -2.88 16.40 -10.49
N TYR A 200 -3.03 16.63 -11.80
CA TYR A 200 -4.01 15.84 -12.53
C TYR A 200 -3.58 14.37 -12.65
N LEU A 201 -4.46 13.45 -12.29
CA LEU A 201 -4.20 12.03 -12.56
C LEU A 201 -5.31 11.43 -13.41
N MET A 202 -6.54 11.55 -12.93
CA MET A 202 -7.66 10.93 -13.63
C MET A 202 -8.94 11.53 -13.12
N TYR A 203 -10.02 11.27 -13.87
CA TYR A 203 -11.36 11.72 -13.53
C TYR A 203 -11.40 13.20 -13.27
N ALA A 204 -12.20 13.61 -12.28
CA ALA A 204 -12.34 15.00 -11.90
C ALA A 204 -11.39 15.26 -10.76
N ASP A 205 -10.43 16.15 -10.98
CA ASP A 205 -9.36 16.34 -10.01
C ASP A 205 -9.79 17.27 -8.90
N VAL A 206 -9.66 16.82 -7.66
CA VAL A 206 -10.10 17.62 -6.52
C VAL A 206 -9.20 18.83 -6.30
N ASP A 207 -9.83 19.99 -6.08
CA ASP A 207 -9.10 21.23 -5.85
C ASP A 207 -8.85 21.36 -4.36
N MET A 208 -7.62 21.07 -3.93
CA MET A 208 -7.28 21.09 -2.51
C MET A 208 -7.09 22.51 -1.99
N ASP A 209 -7.13 23.49 -2.90
CA ASP A 209 -7.10 24.92 -2.55
C ASP A 209 -8.49 25.45 -2.18
N HIS A 210 -9.54 24.68 -2.47
CA HIS A 210 -10.89 25.18 -2.21
C HIS A 210 -11.30 24.88 -0.76
N PRO A 211 -11.65 25.94 -0.02
CA PRO A 211 -11.94 25.86 1.42
C PRO A 211 -13.03 24.84 1.75
N GLU A 212 -14.05 24.76 0.89
CA GLU A 212 -15.15 23.80 1.07
C GLU A 212 -14.69 22.38 0.88
N VAL A 213 -13.81 22.18 -0.10
CA VAL A 213 -13.17 20.89 -0.29
C VAL A 213 -12.33 20.49 0.95
N VAL A 214 -11.54 21.43 1.45
CA VAL A 214 -10.70 21.17 2.62
C VAL A 214 -11.58 20.80 3.80
N ASN A 215 -12.51 21.70 4.17
CA ASN A 215 -13.49 21.42 5.22
C ASN A 215 -14.23 20.09 5.05
N GLU A 216 -14.71 19.81 3.85
CA GLU A 216 -15.48 18.58 3.58
C GLU A 216 -14.67 17.29 3.67
N LEU A 217 -13.49 17.28 3.06
CA LEU A 217 -12.62 16.11 3.09
C LEU A 217 -12.13 15.81 4.52
N ARG A 218 -11.84 16.86 5.28
CA ARG A 218 -11.53 16.72 6.70
C ARG A 218 -12.66 16.08 7.50
N ARG A 219 -13.88 16.57 7.32
CA ARG A 219 -14.99 16.02 8.09
C ARG A 219 -15.35 14.60 7.62
N TRP A 220 -15.35 14.36 6.30
CA TRP A 220 -15.52 12.99 5.81
C TRP A 220 -14.49 12.08 6.49
N GLY A 221 -13.26 12.58 6.58
CA GLY A 221 -12.17 11.90 7.26
C GLY A 221 -12.58 11.42 8.65
N GLU A 222 -13.17 12.32 9.43
CA GLU A 222 -13.70 11.96 10.75
C GLU A 222 -14.81 10.94 10.61
N TRP A 223 -15.82 11.28 9.80
CA TRP A 223 -16.99 10.44 9.62
C TRP A 223 -16.58 9.01 9.28
N TYR A 224 -15.66 8.89 8.30
CA TYR A 224 -15.19 7.61 7.80
C TYR A 224 -14.52 6.84 8.93
N THR A 225 -13.69 7.55 9.69
CA THR A 225 -13.01 6.95 10.83
C THR A 225 -13.98 6.47 11.89
N ASN A 226 -14.87 7.37 12.32
CA ASN A 226 -15.86 7.08 13.35
C ASN A 226 -16.85 5.99 12.96
N THR A 227 -17.29 6.04 11.72
CA THR A 227 -18.30 5.15 11.20
C THR A 227 -17.81 3.70 11.16
N LEU A 228 -16.60 3.52 10.64
CA LEU A 228 -16.04 2.18 10.46
C LEU A 228 -15.12 1.81 11.61
N ASN A 229 -14.90 2.76 12.52
CA ASN A 229 -13.99 2.56 13.62
C ASN A 229 -12.59 2.13 13.12
N LEU A 230 -12.08 2.86 12.13
CA LEU A 230 -10.76 2.61 11.56
C LEU A 230 -9.63 2.87 12.55
N ASP A 231 -8.53 2.15 12.35
CA ASP A 231 -7.33 2.30 13.16
C ASP A 231 -6.25 3.08 12.46
N GLY A 232 -6.40 3.23 11.15
CA GLY A 232 -5.46 3.99 10.38
C GLY A 232 -5.90 4.11 8.93
N PHE A 233 -4.95 4.43 8.07
CA PHE A 233 -5.27 4.80 6.71
C PHE A 233 -4.19 4.32 5.77
N ARG A 234 -4.62 3.88 4.59
CA ARG A 234 -3.73 3.82 3.46
C ARG A 234 -4.14 4.96 2.51
N ILE A 235 -3.25 5.92 2.32
CA ILE A 235 -3.59 7.10 1.52
C ILE A 235 -3.21 7.00 0.03
N ASP A 236 -4.22 7.05 -0.82
CA ASP A 236 -4.06 6.87 -2.26
C ASP A 236 -3.51 8.11 -2.99
N ALA A 237 -2.54 7.89 -3.87
CA ALA A 237 -2.15 8.87 -4.89
C ALA A 237 -1.58 10.19 -4.35
N VAL A 238 -0.81 10.12 -3.27
CA VAL A 238 -0.40 11.31 -2.55
C VAL A 238 0.58 12.19 -3.33
N LYS A 239 1.16 11.67 -4.40
CA LYS A 239 2.01 12.51 -5.23
C LYS A 239 1.21 13.45 -6.16
N HIS A 240 -0.11 13.24 -6.20
CA HIS A 240 -1.02 14.04 -7.03
C HIS A 240 -1.92 14.92 -6.17
N ILE A 241 -1.66 14.90 -4.88
CA ILE A 241 -2.42 15.72 -3.93
C ILE A 241 -1.49 16.69 -3.20
N LYS A 242 -1.85 17.97 -3.21
CA LYS A 242 -1.19 19.00 -2.41
C LYS A 242 -0.62 18.40 -1.12
N TYR A 243 0.68 18.45 -0.98
CA TYR A 243 1.36 17.78 0.13
C TYR A 243 0.91 18.28 1.51
N SER A 244 0.79 19.60 1.64
CA SER A 244 0.37 20.21 2.88
C SER A 244 -1.07 19.82 3.21
N PHE A 245 -1.89 19.64 2.18
CA PHE A 245 -3.27 19.20 2.43
C PHE A 245 -3.29 17.84 3.11
N THR A 246 -2.53 16.90 2.56
CA THR A 246 -2.49 15.55 3.13
C THR A 246 -1.98 15.58 4.55
N ARG A 247 -0.92 16.36 4.77
CA ARG A 247 -0.29 16.45 6.06
C ARG A 247 -1.30 16.95 7.08
N ASP A 248 -2.00 18.02 6.73
CA ASP A 248 -2.94 18.68 7.64
C ASP A 248 -4.28 17.94 7.75
N TRP A 249 -4.68 17.28 6.67
CA TRP A 249 -5.88 16.47 6.70
C TRP A 249 -5.71 15.39 7.76
N LEU A 250 -4.55 14.75 7.74
CA LEU A 250 -4.22 13.67 8.65
C LEU A 250 -4.21 14.17 10.09
N THR A 251 -3.49 15.27 10.31
CA THR A 251 -3.47 15.91 11.61
C THR A 251 -4.89 16.30 12.02
N HIS A 252 -5.66 16.86 11.09
CA HIS A 252 -7.04 17.19 11.45
C HIS A 252 -7.78 15.99 12.02
N VAL A 253 -7.72 14.87 11.29
CA VAL A 253 -8.50 13.69 11.65
C VAL A 253 -8.03 13.08 12.97
N ARG A 254 -6.72 13.06 13.17
CA ARG A 254 -6.19 12.56 14.43
C ARG A 254 -6.63 13.48 15.57
N ASN A 255 -6.55 14.79 15.33
CA ASN A 255 -7.02 15.76 16.30
C ASN A 255 -8.51 15.54 16.62
N ALA A 256 -9.34 15.44 15.58
CA ALA A 256 -10.79 15.36 15.77
C ALA A 256 -11.29 14.05 16.36
N THR A 257 -10.64 12.94 16.01
CA THR A 257 -11.06 11.61 16.48
C THR A 257 -10.38 11.17 17.78
N GLY A 258 -9.25 11.80 18.12
CA GLY A 258 -8.49 11.41 19.30
C GLY A 258 -7.77 10.07 19.11
N LYS A 259 -7.62 9.67 17.86
CA LYS A 259 -7.02 8.39 17.52
C LYS A 259 -5.64 8.57 16.92
N GLU A 260 -4.72 7.64 17.22
CA GLU A 260 -3.37 7.70 16.65
C GLU A 260 -3.40 7.78 15.12
N MET A 261 -4.28 6.98 14.53
CA MET A 261 -4.42 6.89 13.07
C MET A 261 -3.07 6.74 12.35
N PHE A 262 -2.43 5.59 12.48
CA PHE A 262 -1.31 5.30 11.62
C PHE A 262 -1.75 5.56 10.17
N ALA A 263 -0.86 6.11 9.36
CA ALA A 263 -1.14 6.26 7.95
C ALA A 263 0.09 5.89 7.15
N VAL A 264 -0.14 5.22 6.02
CA VAL A 264 0.89 5.00 5.03
C VAL A 264 0.39 5.53 3.69
N ALA A 265 1.22 6.34 3.05
CA ALA A 265 0.87 7.01 1.82
C ALA A 265 1.49 6.27 0.65
N GLU A 266 0.74 6.18 -0.45
CA GLU A 266 1.23 5.62 -1.69
C GLU A 266 1.75 6.78 -2.52
N PHE A 267 3.03 7.07 -2.35
CA PHE A 267 3.72 8.04 -3.16
C PHE A 267 4.54 7.19 -4.11
N TRP A 268 3.98 6.89 -5.27
CA TRP A 268 4.61 5.95 -6.17
C TRP A 268 5.63 6.63 -7.06
N LYS A 269 6.89 6.60 -6.61
CA LYS A 269 8.00 7.06 -7.41
C LYS A 269 9.23 6.31 -6.98
N ASN A 270 9.93 5.72 -7.94
CA ASN A 270 11.19 5.05 -7.68
C ASN A 270 12.30 6.08 -7.49
N ASP A 271 12.18 6.86 -6.43
CA ASP A 271 13.00 8.05 -6.24
C ASP A 271 12.98 8.41 -4.77
N LEU A 272 14.00 7.98 -4.04
CA LEU A 272 14.10 8.26 -2.61
C LEU A 272 14.10 9.77 -2.33
N GLY A 273 14.84 10.53 -3.12
CA GLY A 273 14.85 12.00 -2.99
C GLY A 273 13.44 12.58 -2.99
N ALA A 274 12.60 12.05 -3.87
CA ALA A 274 11.21 12.51 -4.00
C ALA A 274 10.35 12.11 -2.79
N LEU A 275 10.57 10.90 -2.30
CA LEU A 275 9.87 10.42 -1.12
C LEU A 275 10.31 11.21 0.10
N GLU A 276 11.61 11.47 0.18
CA GLU A 276 12.13 12.29 1.27
C GLU A 276 11.52 13.69 1.29
N ASN A 277 11.42 14.32 0.11
CA ASN A 277 10.76 15.62 -0.03
C ASN A 277 9.34 15.52 0.50
N TYR A 278 8.60 14.51 0.05
CA TYR A 278 7.22 14.32 0.49
C TYR A 278 7.16 14.15 2.00
N LEU A 279 8.07 13.37 2.56
CA LEU A 279 8.10 13.19 4.02
C LEU A 279 8.39 14.51 4.77
N ASN A 280 9.40 15.24 4.33
CA ASN A 280 9.67 16.58 4.86
C ASN A 280 8.45 17.47 4.78
N LYS A 281 7.86 17.51 3.60
CA LYS A 281 6.72 18.37 3.31
C LYS A 281 5.46 17.96 4.06
N THR A 282 5.40 16.71 4.50
CA THR A 282 4.28 16.25 5.31
C THR A 282 4.71 16.11 6.76
N ASN A 283 5.82 16.76 7.09
CA ASN A 283 6.28 16.88 8.48
C ASN A 283 6.53 15.53 9.13
N TRP A 284 6.86 14.52 8.33
CA TRP A 284 7.12 13.17 8.82
C TRP A 284 5.98 12.59 9.67
N ASN A 285 4.73 13.00 9.41
CA ASN A 285 3.64 12.54 10.26
C ASN A 285 2.97 11.22 9.81
N HIS A 286 3.51 10.61 8.76
CA HIS A 286 3.01 9.31 8.35
C HIS A 286 4.03 8.59 7.50
N SER A 287 3.76 7.33 7.21
CA SER A 287 4.71 6.53 6.47
C SER A 287 4.42 6.53 4.99
N VAL A 288 5.42 6.12 4.20
CA VAL A 288 5.24 5.91 2.77
C VAL A 288 5.59 4.46 2.45
N PHE A 289 4.97 3.89 1.42
CA PHE A 289 5.40 2.57 0.97
C PHE A 289 6.81 2.70 0.41
N ASP A 290 7.64 1.71 0.65
CA ASP A 290 8.99 1.78 0.14
C ASP A 290 9.01 1.42 -1.33
N VAL A 291 8.71 2.37 -2.19
CA VAL A 291 8.57 2.06 -3.61
C VAL A 291 9.94 1.75 -4.21
N PRO A 292 10.98 2.51 -3.83
CA PRO A 292 12.29 2.12 -4.30
C PRO A 292 12.66 0.66 -3.98
N LEU A 293 12.38 0.19 -2.76
CA LEU A 293 12.68 -1.21 -2.44
C LEU A 293 11.93 -2.16 -3.36
N HIS A 294 10.65 -1.86 -3.61
CA HIS A 294 9.86 -2.68 -4.53
C HIS A 294 10.60 -2.85 -5.86
N TYR A 295 11.09 -1.74 -6.39
CA TYR A 295 11.80 -1.75 -7.66
C TYR A 295 13.12 -2.51 -7.55
N ASN A 296 13.89 -2.25 -6.49
CA ASN A 296 15.08 -3.06 -6.23
C ASN A 296 14.76 -4.54 -6.29
N LEU A 297 13.69 -4.92 -5.59
CA LEU A 297 13.24 -6.31 -5.52
C LEU A 297 12.87 -6.86 -6.89
N TYR A 298 12.10 -6.09 -7.64
CA TYR A 298 11.72 -6.43 -8.99
C TYR A 298 12.94 -6.60 -9.86
N ASN A 299 13.80 -5.58 -9.86
CA ASN A 299 15.03 -5.63 -10.64
C ASN A 299 15.85 -6.87 -10.32
N ALA A 300 16.05 -7.09 -9.04
CA ALA A 300 16.76 -8.24 -8.53
C ALA A 300 16.18 -9.52 -9.08
N SER A 301 14.85 -9.61 -9.02
CA SER A 301 14.13 -10.80 -9.46
C SER A 301 14.25 -11.00 -10.97
N ASN A 302 14.56 -9.91 -11.69
CA ASN A 302 14.72 -9.95 -13.15
C ASN A 302 16.15 -10.15 -13.61
N SER A 303 17.09 -10.23 -12.67
CA SER A 303 18.51 -10.18 -13.02
C SER A 303 19.21 -11.53 -13.19
N GLY A 304 18.46 -12.62 -13.04
CA GLY A 304 18.95 -13.97 -13.32
C GLY A 304 20.09 -14.35 -12.40
N GLY A 305 20.12 -13.70 -11.23
CA GLY A 305 21.19 -13.93 -10.28
C GLY A 305 22.30 -12.91 -10.35
N ASN A 306 22.20 -12.01 -11.32
CA ASN A 306 23.27 -11.03 -11.59
C ASN A 306 23.20 -9.77 -10.75
N TYR A 307 22.12 -9.61 -9.99
CA TYR A 307 21.94 -8.45 -9.15
C TYR A 307 22.95 -8.52 -8.03
N ASP A 308 23.47 -7.37 -7.61
CA ASP A 308 24.34 -7.35 -6.44
C ASP A 308 23.46 -7.29 -5.20
N MET A 309 23.23 -8.45 -4.59
CA MET A 309 22.30 -8.56 -3.46
C MET A 309 22.70 -7.71 -2.26
N ALA A 310 24.01 -7.46 -2.13
CA ALA A 310 24.54 -6.65 -1.05
C ALA A 310 24.01 -5.22 -1.14
N LYS A 311 23.51 -4.87 -2.33
CA LYS A 311 22.99 -3.54 -2.59
C LYS A 311 21.48 -3.50 -2.68
N LEU A 312 20.84 -4.54 -2.12
CA LEU A 312 19.38 -4.68 -2.25
C LEU A 312 18.62 -3.60 -1.48
N LEU A 313 19.20 -3.13 -0.38
CA LEU A 313 18.55 -2.10 0.44
C LEU A 313 18.99 -0.69 0.07
N ASN A 314 19.98 -0.59 -0.83
CA ASN A 314 20.46 0.72 -1.27
C ASN A 314 19.38 1.56 -1.93
N GLY A 315 19.35 2.85 -1.61
CA GLY A 315 18.42 3.80 -2.23
C GLY A 315 16.98 3.64 -1.79
N THR A 316 16.77 2.91 -0.70
CA THR A 316 15.41 2.63 -0.24
C THR A 316 15.01 3.44 0.98
N VAL A 317 13.71 3.63 1.14
CA VAL A 317 13.18 4.27 2.35
C VAL A 317 13.53 3.47 3.62
N VAL A 318 13.43 2.14 3.55
CA VAL A 318 13.60 1.34 4.75
C VAL A 318 15.04 1.34 5.23
N GLN A 319 15.98 1.65 4.34
CA GLN A 319 17.39 1.69 4.73
C GLN A 319 17.70 3.02 5.41
N LYS A 320 17.12 4.10 4.91
CA LYS A 320 17.43 5.42 5.42
C LYS A 320 16.43 5.89 6.47
N HIS A 321 15.14 5.59 6.25
CA HIS A 321 14.08 6.01 7.17
C HIS A 321 13.12 4.89 7.47
N PRO A 322 13.58 3.84 8.18
CA PRO A 322 12.75 2.64 8.35
C PRO A 322 11.48 2.85 9.15
N MET A 323 11.47 3.83 10.06
CA MET A 323 10.28 4.13 10.87
C MET A 323 9.17 4.76 10.05
N HIS A 324 9.53 5.26 8.87
CA HIS A 324 8.55 5.86 7.95
C HIS A 324 8.41 5.04 6.68
N ALA A 325 8.86 3.78 6.74
CA ALA A 325 8.71 2.90 5.60
C ALA A 325 7.73 1.78 5.88
N VAL A 326 6.79 1.59 4.95
CA VAL A 326 6.05 0.34 4.90
C VAL A 326 6.63 -0.43 3.73
N THR A 327 7.17 -1.62 4.02
CA THR A 327 7.84 -2.40 3.01
C THR A 327 6.83 -3.36 2.43
N PHE A 328 6.91 -3.57 1.11
CA PHE A 328 5.95 -4.42 0.42
C PHE A 328 6.66 -5.05 -0.77
N VAL A 329 6.19 -6.21 -1.20
CA VAL A 329 6.83 -6.84 -2.33
C VAL A 329 6.13 -6.40 -3.61
N ASP A 330 4.81 -6.52 -3.60
CA ASP A 330 3.98 -6.10 -4.72
C ASP A 330 2.67 -5.53 -4.19
N ASN A 331 1.98 -4.77 -5.02
CA ASN A 331 0.65 -4.29 -4.71
C ASN A 331 -0.17 -4.30 -6.00
N HIS A 332 -1.38 -3.77 -5.97
CA HIS A 332 -2.27 -3.85 -7.13
C HIS A 332 -1.79 -3.00 -8.32
N ASP A 333 -0.86 -2.08 -8.06
CA ASP A 333 -0.34 -1.19 -9.11
C ASP A 333 0.75 -1.90 -9.89
N SER A 334 1.51 -2.72 -9.18
CA SER A 334 2.65 -3.41 -9.76
C SER A 334 2.28 -4.80 -10.30
N GLN A 335 1.06 -5.25 -9.99
CA GLN A 335 0.65 -6.60 -10.40
C GLN A 335 0.50 -6.72 -11.92
N PRO A 336 0.51 -7.97 -12.43
CA PRO A 336 0.62 -8.12 -13.88
C PRO A 336 -0.51 -7.43 -14.62
N GLY A 337 -0.14 -6.58 -15.57
CA GLY A 337 -1.11 -5.98 -16.49
C GLY A 337 -1.58 -4.61 -16.05
N GLU A 338 -1.25 -4.23 -14.83
CA GLU A 338 -1.73 -2.98 -14.30
C GLU A 338 -0.83 -1.81 -14.67
N SER A 339 -1.24 -0.60 -14.30
CA SER A 339 -0.61 0.63 -14.78
C SER A 339 0.89 0.73 -14.50
N LEU A 340 1.34 0.15 -13.40
CA LEU A 340 2.71 0.32 -12.97
C LEU A 340 3.40 -1.04 -12.89
N GLU A 341 2.98 -1.95 -13.79
CA GLU A 341 3.43 -3.33 -13.74
C GLU A 341 4.93 -3.49 -13.53
N SER A 342 5.28 -4.22 -12.48
CA SER A 342 6.66 -4.45 -12.10
C SER A 342 6.64 -5.53 -11.04
N PHE A 343 5.99 -6.65 -11.39
CA PHE A 343 5.75 -7.74 -10.46
C PHE A 343 7.04 -8.51 -10.15
N VAL A 344 7.35 -8.67 -8.87
CA VAL A 344 8.53 -9.41 -8.47
C VAL A 344 8.36 -10.86 -8.90
N GLN A 345 9.33 -11.39 -9.66
CA GLN A 345 9.18 -12.74 -10.18
C GLN A 345 9.06 -13.77 -9.05
N GLU A 346 8.25 -14.80 -9.31
CA GLU A 346 7.88 -15.81 -8.34
C GLU A 346 9.07 -16.45 -7.60
N TRP A 347 10.12 -16.84 -8.33
CA TRP A 347 11.32 -17.42 -7.68
C TRP A 347 11.93 -16.53 -6.60
N PHE A 348 11.87 -15.22 -6.82
CA PHE A 348 12.48 -14.28 -5.91
C PHE A 348 11.54 -13.86 -4.80
N LYS A 349 10.25 -14.10 -4.98
CA LYS A 349 9.24 -13.58 -4.05
C LYS A 349 9.45 -13.95 -2.56
N PRO A 350 9.80 -15.22 -2.27
CA PRO A 350 10.14 -15.63 -0.90
C PRO A 350 11.31 -14.87 -0.30
N LEU A 351 12.34 -14.62 -1.10
CA LEU A 351 13.50 -13.87 -0.68
C LEU A 351 13.07 -12.43 -0.34
N ALA A 352 12.20 -11.87 -1.17
CA ALA A 352 11.69 -10.52 -0.94
C ALA A 352 10.89 -10.46 0.36
N TYR A 353 9.99 -11.43 0.55
CA TYR A 353 9.22 -11.52 1.78
C TYR A 353 10.09 -11.81 2.99
N ALA A 354 11.09 -12.68 2.84
CA ALA A 354 12.01 -12.90 3.95
C ALA A 354 12.72 -11.61 4.33
N LEU A 355 13.02 -10.79 3.31
CA LEU A 355 13.68 -9.51 3.50
C LEU A 355 12.84 -8.52 4.33
N ILE A 356 11.55 -8.43 4.01
CA ILE A 356 10.71 -7.44 4.66
C ILE A 356 10.16 -7.94 6.00
N LEU A 357 10.03 -9.26 6.11
CA LEU A 357 9.41 -9.89 7.28
C LEU A 357 10.38 -10.27 8.40
N THR A 358 11.63 -10.59 8.07
CA THR A 358 12.49 -11.11 9.12
C THR A 358 13.51 -10.10 9.62
N ARG A 359 13.51 -8.89 9.03
CA ARG A 359 14.38 -7.82 9.50
C ARG A 359 13.64 -6.88 10.44
N GLU A 360 14.36 -6.27 11.37
CA GLU A 360 13.76 -5.44 12.41
C GLU A 360 13.33 -4.08 11.89
N GLN A 361 13.82 -3.72 10.71
CA GLN A 361 13.52 -2.41 10.12
C GLN A 361 12.30 -2.43 9.21
N GLY A 362 11.48 -1.40 9.33
CA GLY A 362 10.35 -1.21 8.45
C GLY A 362 9.13 -1.98 8.91
N TYR A 363 7.99 -1.61 8.35
CA TYR A 363 6.71 -2.17 8.72
C TYR A 363 6.22 -2.90 7.47
N PRO A 364 6.35 -4.24 7.46
CA PRO A 364 6.10 -5.06 6.27
C PRO A 364 4.63 -5.29 5.97
N SER A 365 4.33 -5.41 4.69
CA SER A 365 2.97 -5.53 4.19
C SER A 365 2.96 -6.79 3.35
N VAL A 366 1.94 -7.62 3.52
CA VAL A 366 1.73 -8.79 2.69
C VAL A 366 0.67 -8.52 1.63
N PHE A 367 0.98 -8.84 0.37
CA PHE A 367 0.03 -8.63 -0.72
C PHE A 367 -0.90 -9.84 -0.85
N TYR A 368 -2.19 -9.56 -0.77
CA TYR A 368 -3.23 -10.55 -1.01
C TYR A 368 -2.95 -11.29 -2.32
N GLY A 369 -2.62 -10.54 -3.38
CA GLY A 369 -2.36 -11.11 -4.69
C GLY A 369 -1.19 -12.09 -4.62
N ASP A 370 -0.20 -11.77 -3.80
CA ASP A 370 0.91 -12.68 -3.58
C ASP A 370 0.50 -13.89 -2.76
N TYR A 371 -0.17 -13.63 -1.63
CA TYR A 371 -0.55 -14.65 -0.68
C TYR A 371 -1.59 -15.63 -1.24
N TYR A 372 -2.71 -15.11 -1.76
CA TYR A 372 -3.79 -15.97 -2.25
C TYR A 372 -3.74 -16.17 -3.75
N GLY A 373 -2.85 -15.45 -4.42
CA GLY A 373 -2.66 -15.61 -5.84
C GLY A 373 -3.44 -14.58 -6.63
N ILE A 374 -3.17 -14.56 -7.93
CA ILE A 374 -3.94 -13.77 -8.90
C ILE A 374 -4.31 -14.72 -10.02
N PRO A 375 -5.41 -15.46 -9.84
CA PRO A 375 -5.86 -16.51 -10.76
C PRO A 375 -6.13 -15.98 -12.17
N THR A 376 -6.49 -14.70 -12.29
CA THR A 376 -6.69 -14.08 -13.60
C THR A 376 -5.41 -14.10 -14.43
N HIS A 377 -4.26 -14.05 -13.75
CA HIS A 377 -2.98 -13.94 -14.43
C HIS A 377 -2.05 -15.07 -14.06
N SER A 378 -2.64 -16.22 -13.73
CA SER A 378 -1.91 -17.44 -13.38
C SER A 378 -0.75 -17.18 -12.41
N VAL A 379 -1.00 -16.34 -11.41
CA VAL A 379 -0.05 -16.14 -10.32
C VAL A 379 -0.52 -17.04 -9.21
N PRO A 380 0.31 -18.04 -8.82
CA PRO A 380 -0.14 -18.98 -7.80
C PRO A 380 -0.22 -18.34 -6.41
N ALA A 381 -1.11 -18.84 -5.58
CA ALA A 381 -1.08 -18.50 -4.18
C ALA A 381 0.32 -18.87 -3.71
N MET A 382 0.95 -18.04 -2.91
CA MET A 382 2.27 -18.37 -2.39
C MET A 382 2.25 -18.40 -0.87
N LYS A 383 1.04 -18.47 -0.33
CA LYS A 383 0.77 -18.73 1.07
C LYS A 383 1.64 -19.85 1.68
N ALA A 384 1.79 -20.96 0.95
CA ALA A 384 2.61 -22.09 1.39
C ALA A 384 4.07 -21.70 1.67
N LYS A 385 4.55 -20.70 0.94
CA LYS A 385 5.93 -20.25 1.03
C LYS A 385 6.07 -19.03 1.95
N ILE A 386 5.05 -18.20 1.95
CA ILE A 386 5.01 -17.02 2.81
C ILE A 386 4.74 -17.39 4.29
N ASP A 387 3.86 -18.36 4.52
CA ASP A 387 3.51 -18.77 5.88
C ASP A 387 4.69 -19.09 6.82
N PRO A 388 5.67 -19.88 6.34
CA PRO A 388 6.85 -20.11 7.17
C PRO A 388 7.59 -18.82 7.51
N ILE A 389 7.54 -17.85 6.61
CA ILE A 389 8.26 -16.61 6.82
C ILE A 389 7.52 -15.71 7.81
N LEU A 390 6.19 -15.70 7.72
CA LEU A 390 5.35 -15.03 8.73
C LEU A 390 5.54 -15.66 10.10
N GLU A 391 5.71 -16.98 10.16
CA GLU A 391 6.01 -17.66 11.44
C GLU A 391 7.36 -17.21 11.97
N ALA A 392 8.35 -17.17 11.08
CA ALA A 392 9.65 -16.59 11.45
C ALA A 392 9.44 -15.23 12.09
N ARG A 393 8.76 -14.34 11.38
CA ARG A 393 8.54 -12.97 11.87
C ARG A 393 7.80 -12.98 13.20
N GLN A 394 6.71 -13.74 13.26
CA GLN A 394 5.83 -13.74 14.41
C GLN A 394 6.53 -14.22 15.68
N ASN A 395 7.24 -15.33 15.54
CA ASN A 395 7.78 -16.04 16.69
C ASN A 395 9.30 -16.03 16.80
N PHE A 396 10.00 -15.63 15.73
CA PHE A 396 11.46 -15.74 15.78
C PHE A 396 12.25 -14.47 15.54
N ALA A 397 11.67 -13.54 14.78
CA ALA A 397 12.43 -12.38 14.34
C ALA A 397 12.44 -11.32 15.43
N TYR A 398 13.18 -11.60 16.51
CA TYR A 398 13.28 -10.68 17.63
C TYR A 398 14.71 -10.48 18.05
N GLY A 399 14.95 -9.39 18.79
CA GLY A 399 16.27 -9.15 19.36
C GLY A 399 17.29 -8.60 18.39
N THR A 400 18.48 -8.38 18.90
CA THR A 400 19.56 -7.74 18.16
C THR A 400 19.74 -8.39 16.79
N GLN A 401 19.88 -7.55 15.79
CA GLN A 401 20.04 -8.02 14.42
C GLN A 401 21.49 -7.85 13.97
N HIS A 402 21.97 -8.81 13.19
CA HIS A 402 23.29 -8.68 12.59
C HIS A 402 23.20 -8.84 11.10
N ASP A 403 23.58 -7.80 10.39
CA ASP A 403 23.48 -7.78 8.94
C ASP A 403 24.74 -8.28 8.28
N TYR A 404 24.57 -9.02 7.19
CA TYR A 404 25.66 -9.53 6.39
C TYR A 404 25.28 -9.34 4.93
N PHE A 405 25.25 -8.08 4.49
CA PHE A 405 25.07 -7.80 3.06
C PHE A 405 26.46 -7.61 2.52
N ASP A 406 27.17 -8.73 2.40
CA ASP A 406 28.59 -8.71 2.16
C ASP A 406 28.99 -9.56 0.95
N HIS A 407 28.00 -10.04 0.21
CA HIS A 407 28.26 -10.86 -0.99
C HIS A 407 27.23 -10.54 -2.05
N HIS A 408 27.58 -10.72 -3.32
CA HIS A 408 26.74 -10.28 -4.42
C HIS A 408 25.62 -11.26 -4.72
N ASN A 409 25.71 -12.45 -4.15
CA ASN A 409 24.67 -13.46 -4.31
C ASN A 409 24.12 -13.81 -2.94
N ILE A 410 25.03 -14.17 -2.04
CA ILE A 410 24.64 -14.67 -0.74
C ILE A 410 24.65 -13.59 0.33
N ILE A 411 23.45 -13.20 0.74
CA ILE A 411 23.32 -12.25 1.85
C ILE A 411 22.46 -12.87 2.93
N GLY A 412 22.54 -12.31 4.13
CA GLY A 412 21.74 -12.78 5.24
C GLY A 412 21.84 -11.89 6.45
N TRP A 413 21.07 -12.21 7.47
CA TRP A 413 21.09 -11.49 8.73
C TRP A 413 20.58 -12.45 9.78
N THR A 414 20.93 -12.17 11.03
CA THR A 414 20.49 -12.96 12.15
C THR A 414 19.75 -12.07 13.14
N ARG A 415 18.99 -12.72 14.01
CA ARG A 415 18.32 -12.06 15.11
C ARG A 415 18.67 -12.85 16.35
N GLU A 416 19.10 -12.18 17.41
CA GLU A 416 19.53 -12.90 18.60
C GLU A 416 18.37 -13.42 19.45
N GLY A 417 17.16 -13.03 19.07
CA GLY A 417 15.97 -13.34 19.84
C GLY A 417 15.94 -12.49 21.09
N ASN A 418 14.82 -12.49 21.78
CA ASN A 418 14.75 -11.88 23.11
C ASN A 418 14.00 -12.74 24.11
N THR A 419 14.00 -12.30 25.36
CA THR A 419 13.40 -13.05 26.45
C THR A 419 11.87 -13.04 26.45
N THR A 420 11.27 -12.10 25.74
CA THR A 420 9.81 -12.02 25.73
C THR A 420 9.23 -13.07 24.80
N HIS A 421 10.05 -13.54 23.87
CA HIS A 421 9.59 -14.51 22.88
C HIS A 421 10.48 -15.74 22.94
N PRO A 422 9.99 -16.78 23.62
CA PRO A 422 10.81 -17.94 23.93
C PRO A 422 11.26 -18.67 22.66
N ASN A 423 12.53 -19.06 22.64
CA ASN A 423 13.09 -19.77 21.49
C ASN A 423 13.22 -18.91 20.25
N SER A 424 13.08 -17.59 20.42
CA SER A 424 13.18 -16.64 19.31
C SER A 424 14.63 -16.43 18.93
N GLY A 425 14.85 -15.94 17.72
CA GLY A 425 16.18 -15.94 17.14
C GLY A 425 16.12 -16.68 15.82
N LEU A 426 16.73 -16.10 14.79
CA LEU A 426 16.78 -16.75 13.48
C LEU A 426 18.05 -16.37 12.75
N ALA A 427 18.27 -17.06 11.63
CA ALA A 427 19.31 -16.70 10.69
C ALA A 427 18.71 -16.86 9.31
N THR A 428 18.40 -15.74 8.69
CA THR A 428 17.94 -15.74 7.32
C THR A 428 19.17 -15.70 6.40
N ILE A 429 19.13 -16.50 5.36
CA ILE A 429 20.18 -16.53 4.39
C ILE A 429 19.57 -16.80 3.01
N MET A 430 19.89 -15.97 2.03
CA MET A 430 19.30 -16.09 0.71
C MET A 430 20.37 -15.93 -0.36
N SER A 431 20.09 -16.47 -1.53
CA SER A 431 20.96 -16.30 -2.68
C SER A 431 20.09 -16.06 -3.90
N ASP A 432 20.43 -15.04 -4.69
CA ASP A 432 19.74 -14.84 -5.95
C ASP A 432 20.39 -15.71 -7.04
N GLY A 433 21.50 -16.33 -6.66
CA GLY A 433 22.28 -17.14 -7.57
C GLY A 433 22.57 -18.51 -7.00
N PRO A 434 23.79 -19.01 -7.24
CA PRO A 434 24.09 -20.35 -6.75
C PRO A 434 24.01 -20.30 -5.22
N GLY A 435 23.72 -21.42 -4.59
CA GLY A 435 23.65 -21.41 -3.14
C GLY A 435 25.05 -21.47 -2.51
N GLY A 436 25.06 -21.59 -1.19
CA GLY A 436 26.32 -21.64 -0.48
C GLY A 436 26.08 -21.47 0.98
N GLU A 437 27.03 -20.83 1.65
CA GLU A 437 27.02 -20.79 3.10
C GLU A 437 27.53 -19.46 3.58
N LYS A 438 27.27 -19.16 4.86
CA LYS A 438 27.78 -17.95 5.47
C LYS A 438 27.80 -18.11 6.96
N TRP A 439 28.95 -17.83 7.55
CA TRP A 439 29.06 -17.81 8.99
C TRP A 439 28.31 -16.62 9.53
N MET A 440 27.31 -16.86 10.35
CA MET A 440 26.60 -15.78 11.00
C MET A 440 26.45 -16.01 12.49
N TYR A 441 26.37 -14.91 13.22
CA TYR A 441 26.34 -14.92 14.66
C TYR A 441 24.92 -14.74 15.17
N VAL A 442 24.42 -15.73 15.90
CA VAL A 442 23.04 -15.71 16.38
C VAL A 442 22.94 -15.45 17.90
N GLY A 443 24.08 -15.27 18.55
CA GLY A 443 24.10 -15.12 20.00
C GLY A 443 24.75 -16.31 20.66
N GLN A 444 25.66 -16.03 21.57
CA GLN A 444 26.43 -17.09 22.23
C GLN A 444 25.59 -17.90 23.20
N ASN A 445 24.57 -17.26 23.76
CA ASN A 445 23.58 -17.97 24.58
C ASN A 445 22.82 -19.03 23.77
N LYS A 446 23.06 -19.06 22.46
CA LYS A 446 22.42 -20.05 21.61
C LYS A 446 23.32 -21.27 21.41
N ALA A 447 24.45 -21.28 22.13
CA ALA A 447 25.45 -22.33 21.97
C ALA A 447 24.88 -23.75 22.06
N GLY A 448 25.24 -24.58 21.08
CA GLY A 448 24.87 -25.98 21.10
C GLY A 448 23.41 -26.21 20.76
N GLN A 449 22.71 -25.15 20.38
CA GLN A 449 21.34 -25.28 19.91
C GLN A 449 21.34 -25.88 18.51
N VAL A 450 20.40 -26.78 18.28
CA VAL A 450 20.22 -27.38 16.99
C VAL A 450 19.13 -26.61 16.27
N TRP A 451 19.46 -26.10 15.09
CA TRP A 451 18.56 -25.27 14.29
C TRP A 451 18.18 -25.94 12.98
N HIS A 452 17.00 -25.62 12.47
CA HIS A 452 16.59 -26.08 11.15
C HIS A 452 15.97 -24.97 10.29
N ASP A 453 15.80 -25.24 9.00
CA ASP A 453 15.26 -24.27 8.07
C ASP A 453 13.73 -24.32 8.19
N ILE A 454 13.15 -23.27 8.77
CA ILE A 454 11.70 -23.21 8.93
C ILE A 454 10.95 -23.19 7.58
N THR A 455 11.63 -22.83 6.51
CA THR A 455 11.00 -22.85 5.17
C THR A 455 11.03 -24.25 4.56
N GLY A 456 11.90 -25.10 5.09
CA GLY A 456 12.11 -26.45 4.60
C GLY A 456 12.80 -26.47 3.25
N ASN A 457 13.33 -25.33 2.84
CA ASN A 457 14.09 -25.26 1.60
C ASN A 457 15.38 -26.06 1.68
N LYS A 458 16.04 -25.97 2.83
CA LYS A 458 17.23 -26.76 3.12
C LYS A 458 16.87 -27.86 4.12
N PRO A 459 17.12 -29.12 3.75
CA PRO A 459 16.89 -30.16 4.72
C PRO A 459 17.96 -30.13 5.81
N GLY A 460 17.72 -30.85 6.91
CA GLY A 460 18.77 -31.08 7.89
C GLY A 460 18.88 -30.00 8.96
N THR A 461 20.01 -30.00 9.66
CA THR A 461 20.18 -29.12 10.79
C THR A 461 21.51 -28.38 10.78
N VAL A 462 21.58 -27.36 11.63
CA VAL A 462 22.77 -26.60 11.88
C VAL A 462 22.85 -26.42 13.38
N THR A 463 24.03 -26.69 13.93
CA THR A 463 24.22 -26.62 15.37
C THR A 463 25.08 -25.39 15.69
N ILE A 464 24.55 -24.53 16.56
CA ILE A 464 25.25 -23.32 16.95
C ILE A 464 26.53 -23.67 17.70
N ASN A 465 27.67 -23.16 17.24
CA ASN A 465 28.92 -23.47 17.94
C ASN A 465 29.02 -22.77 19.29
N ALA A 466 30.14 -22.95 19.98
CA ALA A 466 30.33 -22.37 21.30
C ALA A 466 30.31 -20.84 21.33
N ASP A 467 30.68 -20.22 20.21
CA ASP A 467 30.79 -18.77 20.16
C ASP A 467 29.46 -18.12 19.86
N GLY A 468 28.48 -18.93 19.50
CA GLY A 468 27.18 -18.41 19.08
C GLY A 468 27.15 -18.21 17.58
N TRP A 469 28.02 -18.91 16.88
CA TRP A 469 28.12 -18.83 15.42
C TRP A 469 27.70 -20.12 14.74
N ALA A 470 27.21 -20.02 13.52
CA ALA A 470 27.08 -21.20 12.68
C ALA A 470 27.22 -20.88 11.19
N ASN A 471 27.64 -21.88 10.44
CA ASN A 471 27.75 -21.77 9.02
C ASN A 471 26.41 -22.18 8.44
N PHE A 472 25.57 -21.21 8.15
CA PHE A 472 24.24 -21.48 7.64
C PHE A 472 24.31 -21.64 6.15
N SER A 473 23.42 -22.45 5.59
CA SER A 473 23.48 -22.70 4.15
C SER A 473 22.17 -22.36 3.48
N VAL A 474 22.24 -22.22 2.17
CA VAL A 474 21.05 -21.93 1.40
C VAL A 474 21.23 -22.55 0.03
N ASN A 475 20.12 -22.98 -0.57
CA ASN A 475 20.13 -23.43 -1.94
C ASN A 475 20.22 -22.25 -2.91
N GLY A 476 20.39 -22.55 -4.20
CA GLY A 476 20.46 -21.50 -5.19
C GLY A 476 19.08 -20.92 -5.42
N GLY A 477 19.04 -19.62 -5.72
CA GLY A 477 17.79 -18.92 -6.08
C GLY A 477 16.73 -19.10 -5.02
N SER A 478 17.10 -18.84 -3.77
CA SER A 478 16.34 -19.36 -2.65
C SER A 478 16.68 -18.67 -1.36
N VAL A 479 15.89 -18.95 -0.35
CA VAL A 479 16.07 -18.39 0.96
C VAL A 479 15.84 -19.49 1.97
N SER A 480 16.67 -19.50 2.99
CA SER A 480 16.47 -20.41 4.12
C SER A 480 16.38 -19.58 5.37
N ILE A 481 15.50 -19.97 6.28
CA ILE A 481 15.41 -19.25 7.55
C ILE A 481 15.60 -20.23 8.68
N TRP A 482 16.81 -20.25 9.23
CA TRP A 482 17.18 -21.18 10.26
C TRP A 482 16.70 -20.71 11.63
N VAL A 483 16.01 -21.61 12.34
CA VAL A 483 15.52 -21.29 13.68
C VAL A 483 15.73 -22.51 14.57
N LYS A 484 15.73 -22.31 15.89
CA LYS A 484 15.83 -23.41 16.84
C LYS A 484 14.80 -24.48 16.54
N ARG A 485 15.26 -25.73 16.39
CA ARG A 485 14.37 -26.86 16.12
C ARG A 485 13.48 -27.16 17.32
CA CA B . -4.75 15.95 -7.81
CA CA C . -6.23 23.97 -7.24
CA CA D . 23.49 -11.89 -7.27
NA NA E . -6.08 19.66 -7.67
C ACT F . -4.13 0.46 -12.01
O ACT F . -3.38 0.17 -11.04
OXT ACT F . -4.13 -0.33 -13.00
CH3 ACT F . -4.98 1.69 -12.01
#